data_8FLP
#
_entry.id   8FLP
#
_entity_poly.entity_id   1
_entity_poly.type   'polypeptide(L)'
_entity_poly.pdbx_seq_one_letter_code
;GCCANPVCNGKHC(NH2)
;
_entity_poly.pdbx_strand_id   A
#
loop_
_chem_comp.id
_chem_comp.type
_chem_comp.name
_chem_comp.formula
NH2 non-polymer 'AMINO GROUP' 'H2 N'
#
# COMPACT_ATOMS: atom_id res chain seq x y z
N GLY A 1 -5.26 -6.48 -2.59
CA GLY A 1 -4.84 -5.12 -2.35
C GLY A 1 -3.36 -5.06 -2.05
N CYS A 2 -2.83 -3.86 -1.92
CA CYS A 2 -1.42 -3.68 -1.64
C CYS A 2 -1.25 -2.73 -0.46
N CYS A 3 -2.30 -2.58 0.33
CA CYS A 3 -2.26 -1.69 1.47
C CYS A 3 -1.39 -2.31 2.55
N ALA A 4 -1.22 -3.61 2.45
CA ALA A 4 -0.39 -4.38 3.35
C ALA A 4 1.09 -4.20 3.00
N ASN A 5 1.35 -3.70 1.82
CA ASN A 5 2.70 -3.43 1.38
C ASN A 5 3.14 -2.10 1.97
N PRO A 6 4.40 -1.99 2.42
CA PRO A 6 4.92 -0.78 3.10
C PRO A 6 4.77 0.49 2.27
N VAL A 7 5.05 0.39 0.99
CA VAL A 7 5.04 1.55 0.12
C VAL A 7 3.69 1.72 -0.54
N CYS A 8 3.13 0.63 -1.03
CA CYS A 8 1.85 0.70 -1.74
C CYS A 8 0.75 1.15 -0.77
N ASN A 9 0.99 0.95 0.54
CA ASN A 9 0.14 1.46 1.62
C ASN A 9 -0.14 2.91 1.40
N GLY A 10 0.89 3.64 1.16
CA GLY A 10 0.73 5.03 0.97
C GLY A 10 0.64 5.46 -0.43
N LYS A 11 0.44 4.53 -1.26
CA LYS A 11 0.35 4.79 -2.64
C LYS A 11 -1.06 4.60 -3.13
N HIS A 12 -1.52 3.40 -2.98
CA HIS A 12 -2.78 3.03 -3.51
C HIS A 12 -3.71 2.72 -2.41
N CYS A 13 -3.29 2.99 -1.22
CA CYS A 13 -4.19 2.79 -0.11
C CYS A 13 -4.56 4.13 0.53
N NH2 A 14 -3.68 4.69 1.33
HN1 NH2 A 14 -2.84 4.21 1.51
HN2 NH2 A 14 -3.91 5.56 1.72
N GLY A 1 -5.92 -1.40 -3.07
CA GLY A 1 -5.12 -2.54 -3.50
C GLY A 1 -4.24 -3.01 -2.38
N CYS A 2 -2.97 -3.28 -2.68
CA CYS A 2 -2.01 -3.70 -1.67
C CYS A 2 -1.89 -2.63 -0.56
N CYS A 3 -1.94 -3.06 0.70
CA CYS A 3 -1.84 -2.11 1.82
C CYS A 3 -0.79 -2.55 2.83
N ALA A 4 -0.57 -3.83 2.88
CA ALA A 4 0.33 -4.43 3.87
C ALA A 4 1.77 -3.99 3.69
N ASN A 5 2.16 -3.85 2.47
CA ASN A 5 3.50 -3.47 2.16
C ASN A 5 3.67 -1.96 2.14
N PRO A 6 4.82 -1.47 2.67
CA PRO A 6 5.09 -0.03 2.95
C PRO A 6 4.72 0.97 1.85
N VAL A 7 5.06 0.70 0.62
CA VAL A 7 4.77 1.67 -0.43
C VAL A 7 3.33 1.57 -0.84
N CYS A 8 2.86 0.36 -1.01
CA CYS A 8 1.47 0.13 -1.34
C CYS A 8 0.55 0.77 -0.32
N ASN A 9 0.93 0.66 0.96
CA ASN A 9 0.21 1.19 2.12
C ASN A 9 -0.34 2.55 1.87
N GLY A 10 0.47 3.40 1.30
CA GLY A 10 0.00 4.72 1.07
C GLY A 10 -0.30 5.06 -0.36
N LYS A 11 0.05 4.20 -1.21
CA LYS A 11 -0.01 4.49 -2.61
C LYS A 11 -1.15 3.79 -3.27
N HIS A 12 -1.19 2.51 -3.07
CA HIS A 12 -2.14 1.66 -3.71
C HIS A 12 -3.26 1.40 -2.77
N CYS A 13 -3.10 1.94 -1.61
CA CYS A 13 -4.07 1.82 -0.60
C CYS A 13 -4.57 3.21 -0.24
N NH2 A 14 -5.70 3.58 -0.79
HN1 NH2 A 14 -6.17 2.93 -1.36
HN2 NH2 A 14 -6.02 4.50 -0.63
N GLY A 1 -6.60 -3.23 -3.11
CA GLY A 1 -5.24 -2.87 -3.47
C GLY A 1 -4.29 -3.31 -2.42
N CYS A 2 -3.00 -3.27 -2.70
CA CYS A 2 -1.99 -3.65 -1.75
C CYS A 2 -1.89 -2.62 -0.64
N CYS A 3 -1.99 -3.08 0.60
CA CYS A 3 -1.97 -2.15 1.74
C CYS A 3 -0.93 -2.55 2.77
N ALA A 4 -0.61 -3.80 2.81
CA ALA A 4 0.27 -4.32 3.84
C ALA A 4 1.71 -3.90 3.64
N ASN A 5 2.12 -3.81 2.41
CA ASN A 5 3.47 -3.48 2.09
C ASN A 5 3.71 -1.97 2.09
N PRO A 6 4.91 -1.55 2.63
CA PRO A 6 5.30 -0.16 2.91
C PRO A 6 4.81 0.92 1.95
N VAL A 7 5.17 0.82 0.70
CA VAL A 7 4.82 1.85 -0.27
C VAL A 7 3.38 1.72 -0.66
N CYS A 8 2.94 0.49 -0.92
CA CYS A 8 1.55 0.24 -1.29
C CYS A 8 0.57 0.84 -0.30
N ASN A 9 0.92 0.73 0.98
CA ASN A 9 0.14 1.24 2.10
C ASN A 9 -0.36 2.63 1.85
N GLY A 10 0.49 3.45 1.30
CA GLY A 10 0.09 4.78 1.04
C GLY A 10 -0.05 5.15 -0.39
N LYS A 11 0.17 4.23 -1.22
CA LYS A 11 0.17 4.48 -2.62
C LYS A 11 -1.04 3.90 -3.28
N HIS A 12 -1.21 2.64 -3.08
CA HIS A 12 -2.24 1.90 -3.72
C HIS A 12 -3.33 1.64 -2.76
N CYS A 13 -3.11 2.11 -1.59
CA CYS A 13 -4.08 1.98 -0.54
C CYS A 13 -4.45 3.38 -0.05
N NH2 A 14 -5.52 3.91 -0.58
HN1 NH2 A 14 -6.04 3.37 -1.23
HN2 NH2 A 14 -5.77 4.82 -0.32
N GLY A 1 -6.02 -1.56 -3.02
CA GLY A 1 -5.08 -2.50 -3.63
C GLY A 1 -4.18 -3.08 -2.58
N CYS A 2 -2.90 -3.20 -2.89
CA CYS A 2 -1.94 -3.65 -1.90
C CYS A 2 -1.83 -2.62 -0.78
N CYS A 3 -1.84 -3.06 0.47
CA CYS A 3 -1.85 -2.13 1.58
C CYS A 3 -0.96 -2.59 2.73
N ALA A 4 -0.59 -3.85 2.73
CA ALA A 4 0.22 -4.43 3.80
C ALA A 4 1.65 -3.94 3.73
N ASN A 5 2.15 -3.85 2.53
CA ASN A 5 3.50 -3.44 2.28
C ASN A 5 3.66 -1.91 2.28
N PRO A 6 4.82 -1.41 2.79
CA PRO A 6 5.10 0.03 3.07
C PRO A 6 4.72 1.04 1.98
N VAL A 7 5.07 0.78 0.74
CA VAL A 7 4.78 1.74 -0.32
C VAL A 7 3.35 1.63 -0.73
N CYS A 8 2.89 0.41 -0.95
CA CYS A 8 1.50 0.16 -1.30
C CYS A 8 0.56 0.75 -0.27
N ASN A 9 0.99 0.71 0.98
CA ASN A 9 0.30 1.25 2.15
C ASN A 9 -0.24 2.64 1.88
N GLY A 10 0.53 3.42 1.17
CA GLY A 10 0.09 4.74 0.82
C GLY A 10 -0.05 4.99 -0.64
N LYS A 11 0.11 3.99 -1.39
CA LYS A 11 0.08 4.10 -2.82
C LYS A 11 -1.17 3.50 -3.38
N HIS A 12 -1.40 2.27 -3.03
CA HIS A 12 -2.53 1.53 -3.53
C HIS A 12 -3.53 1.40 -2.44
N CYS A 13 -3.23 2.04 -1.37
CA CYS A 13 -4.09 2.03 -0.23
C CYS A 13 -4.35 3.47 0.21
N NH2 A 14 -5.45 4.01 -0.21
HN1 NH2 A 14 -6.07 3.43 -0.72
HN2 NH2 A 14 -5.63 4.94 -0.01
N GLY A 1 -5.90 -5.51 -2.36
CA GLY A 1 -5.10 -4.32 -2.63
C GLY A 1 -3.68 -4.54 -2.26
N CYS A 2 -2.95 -3.48 -1.97
CA CYS A 2 -1.55 -3.57 -1.62
C CYS A 2 -1.29 -2.76 -0.37
N CYS A 3 -2.31 -2.64 0.48
CA CYS A 3 -2.21 -1.89 1.73
C CYS A 3 -1.19 -2.55 2.67
N ALA A 4 -1.03 -3.84 2.48
CA ALA A 4 -0.14 -4.67 3.29
C ALA A 4 1.33 -4.44 2.95
N ASN A 5 1.61 -3.73 1.89
CA ASN A 5 2.96 -3.45 1.53
C ASN A 5 3.27 -2.02 1.95
N PRO A 6 4.43 -1.80 2.57
CA PRO A 6 4.80 -0.51 3.19
C PRO A 6 4.67 0.71 2.27
N VAL A 7 5.20 0.62 1.07
CA VAL A 7 5.14 1.75 0.16
C VAL A 7 3.80 1.81 -0.57
N CYS A 8 3.25 0.66 -0.90
CA CYS A 8 2.01 0.65 -1.66
C CYS A 8 0.85 1.07 -0.75
N ASN A 9 1.06 0.92 0.56
CA ASN A 9 0.13 1.37 1.59
C ASN A 9 -0.23 2.80 1.37
N GLY A 10 0.76 3.59 1.17
CA GLY A 10 0.50 4.97 0.97
C GLY A 10 0.42 5.36 -0.45
N LYS A 11 0.36 4.41 -1.27
CA LYS A 11 0.35 4.61 -2.65
C LYS A 11 -1.03 4.37 -3.20
N HIS A 12 -1.47 3.17 -3.08
CA HIS A 12 -2.71 2.78 -3.64
C HIS A 12 -3.70 2.52 -2.58
N CYS A 13 -3.28 2.71 -1.38
CA CYS A 13 -4.18 2.48 -0.28
C CYS A 13 -4.62 3.79 0.40
N NH2 A 14 -3.78 4.35 1.21
HN1 NH2 A 14 -2.91 3.92 1.38
HN2 NH2 A 14 -4.05 5.20 1.63
N GLY A 1 -5.68 -5.87 -2.89
CA GLY A 1 -4.99 -4.61 -2.62
C GLY A 1 -3.59 -4.85 -2.17
N CYS A 2 -2.86 -3.80 -1.94
CA CYS A 2 -1.46 -3.89 -1.58
C CYS A 2 -1.20 -3.01 -0.34
N CYS A 3 -2.26 -2.69 0.42
CA CYS A 3 -2.16 -1.80 1.61
C CYS A 3 -1.15 -2.32 2.66
N ALA A 4 -1.03 -3.64 2.71
CA ALA A 4 -0.16 -4.33 3.66
C ALA A 4 1.31 -4.22 3.24
N ASN A 5 1.53 -3.71 2.06
CA ASN A 5 2.85 -3.46 1.56
C ASN A 5 3.24 -2.07 1.99
N PRO A 6 4.47 -1.85 2.41
CA PRO A 6 4.94 -0.55 2.95
C PRO A 6 4.84 0.61 1.95
N VAL A 7 4.93 0.31 0.67
CA VAL A 7 4.88 1.37 -0.32
C VAL A 7 3.49 1.56 -0.84
N CYS A 8 2.81 0.47 -1.19
CA CYS A 8 1.44 0.59 -1.67
C CYS A 8 0.56 1.20 -0.59
N ASN A 9 0.96 0.95 0.67
CA ASN A 9 0.31 1.46 1.89
C ASN A 9 -0.10 2.88 1.75
N GLY A 10 0.81 3.71 1.35
CA GLY A 10 0.49 5.09 1.25
C GLY A 10 0.35 5.59 -0.12
N LYS A 11 0.35 4.72 -1.03
CA LYS A 11 0.33 5.09 -2.39
C LYS A 11 -0.93 4.65 -3.08
N HIS A 12 -1.21 3.40 -2.98
CA HIS A 12 -2.31 2.80 -3.67
C HIS A 12 -3.41 2.55 -2.73
N CYS A 13 -3.13 2.77 -1.50
CA CYS A 13 -4.12 2.51 -0.49
C CYS A 13 -4.75 3.82 -0.04
N NH2 A 14 -5.82 4.21 -0.70
HN1 NH2 A 14 -6.12 3.63 -1.44
HN2 NH2 A 14 -6.25 5.04 -0.46
N GLY A 1 -6.23 -4.66 -2.12
CA GLY A 1 -5.02 -4.16 -2.73
C GLY A 1 -3.82 -4.54 -1.91
N CYS A 2 -2.66 -4.08 -2.27
CA CYS A 2 -1.42 -4.42 -1.56
C CYS A 2 -1.17 -3.46 -0.37
N CYS A 3 -2.26 -3.02 0.28
CA CYS A 3 -2.23 -2.00 1.37
C CYS A 3 -1.28 -2.36 2.53
N ALA A 4 -0.98 -3.62 2.67
CA ALA A 4 -0.12 -4.10 3.75
C ALA A 4 1.36 -4.01 3.38
N ASN A 5 1.63 -3.69 2.14
CA ASN A 5 2.97 -3.53 1.67
C ASN A 5 3.40 -2.09 1.89
N PRO A 6 4.69 -1.88 2.20
CA PRO A 6 5.25 -0.58 2.63
C PRO A 6 4.84 0.63 1.78
N VAL A 7 5.11 0.61 0.50
CA VAL A 7 4.80 1.78 -0.31
C VAL A 7 3.36 1.75 -0.80
N CYS A 8 2.82 0.56 -1.08
CA CYS A 8 1.43 0.43 -1.48
C CYS A 8 0.53 1.09 -0.46
N ASN A 9 0.85 0.81 0.82
CA ASN A 9 0.16 1.30 2.01
C ASN A 9 -0.39 2.67 1.85
N GLY A 10 0.48 3.58 1.52
CA GLY A 10 0.04 4.94 1.42
C GLY A 10 -0.10 5.49 0.05
N LYS A 11 0.27 4.73 -0.89
CA LYS A 11 0.30 5.21 -2.23
C LYS A 11 -0.85 4.67 -3.00
N HIS A 12 -0.94 3.39 -3.01
CA HIS A 12 -1.90 2.70 -3.79
C HIS A 12 -3.10 2.41 -2.97
N CYS A 13 -2.96 2.66 -1.74
CA CYS A 13 -4.05 2.44 -0.84
C CYS A 13 -4.47 3.76 -0.20
N NH2 A 14 -3.88 4.13 0.92
HN1 NH2 A 14 -3.21 3.53 1.32
HN2 NH2 A 14 -4.13 4.98 1.32
N GLY A 1 -5.65 -5.77 -3.16
CA GLY A 1 -5.39 -4.49 -2.52
C GLY A 1 -4.03 -4.49 -1.93
N CYS A 2 -3.21 -3.56 -2.34
CA CYS A 2 -1.87 -3.45 -1.84
C CYS A 2 -1.88 -2.40 -0.73
N CYS A 3 -2.08 -2.85 0.49
CA CYS A 3 -2.10 -1.96 1.65
C CYS A 3 -1.10 -2.43 2.70
N ALA A 4 -0.85 -3.72 2.70
CA ALA A 4 0.06 -4.35 3.65
C ALA A 4 1.49 -4.07 3.26
N ASN A 5 1.67 -3.88 1.98
CA ASN A 5 2.93 -3.52 1.42
C ASN A 5 3.29 -2.13 1.95
N PRO A 6 4.53 -1.94 2.39
CA PRO A 6 4.98 -0.69 3.03
C PRO A 6 4.84 0.55 2.15
N VAL A 7 5.04 0.40 0.86
CA VAL A 7 5.00 1.55 -0.02
C VAL A 7 3.65 1.68 -0.70
N CYS A 8 2.98 0.55 -0.91
CA CYS A 8 1.62 0.63 -1.45
C CYS A 8 0.73 1.28 -0.42
N ASN A 9 1.11 1.12 0.84
CA ASN A 9 0.42 1.64 2.02
C ASN A 9 -0.12 3.02 1.78
N GLY A 10 0.72 3.89 1.31
CA GLY A 10 0.27 5.23 1.08
C GLY A 10 0.04 5.60 -0.35
N LYS A 11 0.27 4.70 -1.20
CA LYS A 11 0.22 4.94 -2.61
C LYS A 11 -1.01 4.36 -3.25
N HIS A 12 -1.19 3.09 -3.00
CA HIS A 12 -2.22 2.33 -3.63
C HIS A 12 -3.28 2.04 -2.65
N CYS A 13 -3.05 2.49 -1.47
CA CYS A 13 -4.01 2.32 -0.44
C CYS A 13 -4.49 3.69 0.04
N NH2 A 14 -5.63 4.12 -0.48
HN1 NH2 A 14 -6.10 3.54 -1.11
HN2 NH2 A 14 -5.93 5.02 -0.23
N GLY A 1 -5.76 -4.76 -1.97
CA GLY A 1 -4.74 -4.87 -2.98
C GLY A 1 -3.36 -4.89 -2.39
N CYS A 2 -2.87 -3.75 -1.97
CA CYS A 2 -1.51 -3.66 -1.50
C CYS A 2 -1.39 -2.75 -0.28
N CYS A 3 -2.44 -2.69 0.54
CA CYS A 3 -2.40 -1.84 1.74
C CYS A 3 -1.36 -2.34 2.74
N ALA A 4 -1.10 -3.62 2.69
CA ALA A 4 -0.15 -4.27 3.60
C ALA A 4 1.28 -4.05 3.13
N ASN A 5 1.44 -3.73 1.87
CA ASN A 5 2.76 -3.49 1.30
C ASN A 5 3.25 -2.13 1.79
N PRO A 6 4.48 -2.05 2.27
CA PRO A 6 5.02 -0.87 2.97
C PRO A 6 4.89 0.45 2.21
N VAL A 7 5.22 0.46 0.94
CA VAL A 7 5.15 1.70 0.18
C VAL A 7 3.84 1.80 -0.57
N CYS A 8 3.28 0.67 -0.97
CA CYS A 8 2.02 0.70 -1.71
C CYS A 8 0.90 1.12 -0.76
N ASN A 9 1.14 0.92 0.54
CA ASN A 9 0.28 1.31 1.65
C ASN A 9 -0.24 2.69 1.45
N GLY A 10 0.65 3.60 1.27
CA GLY A 10 0.22 4.95 1.12
C GLY A 10 0.08 5.40 -0.28
N LYS A 11 0.27 4.52 -1.14
CA LYS A 11 0.27 4.82 -2.51
C LYS A 11 -1.06 4.49 -3.13
N HIS A 12 -1.42 3.25 -3.08
CA HIS A 12 -2.60 2.79 -3.71
C HIS A 12 -3.63 2.50 -2.71
N CYS A 13 -3.30 2.72 -1.49
CA CYS A 13 -4.26 2.49 -0.45
C CYS A 13 -4.56 3.80 0.27
N NH2 A 14 -5.52 4.54 -0.23
HN1 NH2 A 14 -5.98 4.20 -1.02
HN2 NH2 A 14 -5.73 5.39 0.20
N GLY A 1 -6.17 -5.06 -2.08
CA GLY A 1 -5.13 -4.26 -2.70
C GLY A 1 -3.80 -4.52 -2.05
N CYS A 2 -2.83 -3.68 -2.34
CA CYS A 2 -1.45 -3.83 -1.85
C CYS A 2 -1.24 -2.98 -0.59
N CYS A 3 -2.29 -2.79 0.17
CA CYS A 3 -2.26 -1.92 1.35
C CYS A 3 -1.35 -2.47 2.45
N ALA A 4 -1.02 -3.73 2.37
CA ALA A 4 -0.16 -4.36 3.37
C ALA A 4 1.31 -4.10 3.09
N ASN A 5 1.61 -3.62 1.89
CA ASN A 5 2.96 -3.32 1.51
C ASN A 5 3.33 -1.95 2.07
N PRO A 6 4.54 -1.81 2.61
CA PRO A 6 4.99 -0.58 3.31
C PRO A 6 4.90 0.69 2.45
N VAL A 7 5.19 0.56 1.17
CA VAL A 7 5.16 1.72 0.27
C VAL A 7 3.85 1.76 -0.50
N CYS A 8 3.35 0.60 -0.87
CA CYS A 8 2.12 0.55 -1.66
C CYS A 8 0.94 1.03 -0.80
N ASN A 9 1.10 0.86 0.52
CA ASN A 9 0.15 1.34 1.52
C ASN A 9 -0.20 2.78 1.27
N GLY A 10 0.78 3.59 1.16
CA GLY A 10 0.53 4.99 0.97
C GLY A 10 0.28 5.38 -0.45
N LYS A 11 0.32 4.44 -1.29
CA LYS A 11 0.17 4.69 -2.67
C LYS A 11 -1.21 4.35 -3.13
N HIS A 12 -1.53 3.11 -2.98
CA HIS A 12 -2.74 2.59 -3.51
C HIS A 12 -3.72 2.34 -2.44
N CYS A 13 -3.35 2.68 -1.26
CA CYS A 13 -4.25 2.50 -0.15
C CYS A 13 -4.61 3.84 0.47
N NH2 A 14 -3.73 4.39 1.26
HN1 NH2 A 14 -2.89 3.92 1.45
HN2 NH2 A 14 -3.95 5.27 1.66
N GLY A 1 -4.68 -7.07 -1.24
CA GLY A 1 -4.43 -5.78 -1.89
C GLY A 1 -3.00 -5.36 -1.70
N CYS A 2 -2.68 -4.14 -2.07
CA CYS A 2 -1.33 -3.69 -1.93
C CYS A 2 -1.19 -2.76 -0.73
N CYS A 3 -2.32 -2.47 -0.07
CA CYS A 3 -2.34 -1.59 1.11
C CYS A 3 -1.57 -2.25 2.25
N ALA A 4 -1.49 -3.55 2.17
CA ALA A 4 -0.76 -4.34 3.14
C ALA A 4 0.74 -4.08 3.02
N ASN A 5 1.19 -3.77 1.82
CA ASN A 5 2.59 -3.59 1.55
C ASN A 5 3.05 -2.20 1.91
N PRO A 6 4.33 -2.07 2.31
CA PRO A 6 4.92 -0.81 2.84
C PRO A 6 4.70 0.44 1.98
N VAL A 7 5.05 0.36 0.72
CA VAL A 7 4.99 1.53 -0.14
C VAL A 7 3.60 1.73 -0.69
N CYS A 8 2.95 0.65 -1.09
CA CYS A 8 1.66 0.79 -1.71
C CYS A 8 0.61 1.21 -0.69
N ASN A 9 0.89 0.91 0.60
CA ASN A 9 0.08 1.36 1.74
C ASN A 9 -0.16 2.83 1.63
N GLY A 10 0.88 3.52 1.36
CA GLY A 10 0.77 4.93 1.26
C GLY A 10 0.69 5.46 -0.11
N LYS A 11 0.51 4.61 -1.01
CA LYS A 11 0.46 5.02 -2.37
C LYS A 11 -0.91 4.87 -2.93
N HIS A 12 -1.37 3.68 -2.94
CA HIS A 12 -2.60 3.35 -3.58
C HIS A 12 -3.64 3.06 -2.59
N CYS A 13 -3.26 3.23 -1.37
CA CYS A 13 -4.19 3.04 -0.30
C CYS A 13 -4.43 4.36 0.42
N NH2 A 14 -5.50 5.02 0.08
HN1 NH2 A 14 -6.12 4.62 -0.56
HN2 NH2 A 14 -5.65 5.90 0.49
N GLY A 1 -6.24 -4.83 -3.04
CA GLY A 1 -4.90 -4.59 -3.53
C GLY A 1 -3.92 -4.60 -2.40
N CYS A 2 -2.73 -4.13 -2.64
CA CYS A 2 -1.73 -4.09 -1.61
C CYS A 2 -1.89 -2.84 -0.74
N CYS A 3 -2.06 -3.04 0.55
CA CYS A 3 -2.14 -1.92 1.48
C CYS A 3 -1.21 -2.16 2.65
N ALA A 4 -0.88 -3.39 2.88
CA ALA A 4 -0.01 -3.76 3.95
C ALA A 4 1.44 -3.58 3.55
N ASN A 5 1.73 -3.76 2.25
CA ASN A 5 3.07 -3.55 1.74
C ASN A 5 3.47 -2.10 1.94
N PRO A 6 4.75 -1.84 2.30
CA PRO A 6 5.25 -0.52 2.73
C PRO A 6 4.83 0.66 1.84
N VAL A 7 5.20 0.61 0.57
CA VAL A 7 4.86 1.71 -0.33
C VAL A 7 3.39 1.69 -0.70
N CYS A 8 2.85 0.50 -0.91
CA CYS A 8 1.44 0.34 -1.25
C CYS A 8 0.56 1.02 -0.26
N ASN A 9 0.93 0.88 1.01
CA ASN A 9 0.25 1.42 2.19
C ASN A 9 -0.24 2.81 1.96
N GLY A 10 0.59 3.62 1.37
CA GLY A 10 0.19 4.95 1.14
C GLY A 10 0.02 5.34 -0.29
N LYS A 11 0.35 4.45 -1.14
CA LYS A 11 0.35 4.72 -2.54
C LYS A 11 -0.93 4.29 -3.16
N HIS A 12 -1.22 3.03 -3.02
CA HIS A 12 -2.37 2.43 -3.63
C HIS A 12 -3.47 2.42 -2.64
N CYS A 13 -3.10 2.65 -1.46
CA CYS A 13 -4.00 2.59 -0.35
C CYS A 13 -4.18 3.97 0.24
N NH2 A 14 -5.35 4.53 0.07
HN1 NH2 A 14 -6.06 3.99 -0.34
HN2 NH2 A 14 -5.48 5.45 0.37
N GLY A 1 -5.87 -5.63 -2.22
CA GLY A 1 -4.79 -4.90 -2.87
C GLY A 1 -3.50 -5.13 -2.15
N CYS A 2 -2.56 -4.22 -2.30
CA CYS A 2 -1.27 -4.36 -1.68
C CYS A 2 -1.08 -3.37 -0.52
N CYS A 3 -2.17 -2.93 0.10
CA CYS A 3 -2.15 -1.93 1.20
C CYS A 3 -1.33 -2.46 2.41
N ALA A 4 -1.11 -3.74 2.43
CA ALA A 4 -0.32 -4.40 3.46
C ALA A 4 1.16 -4.12 3.27
N ASN A 5 1.55 -3.77 2.06
CA ASN A 5 2.91 -3.45 1.76
C ASN A 5 3.13 -1.98 2.07
N PRO A 6 4.29 -1.63 2.63
CA PRO A 6 4.60 -0.26 3.10
C PRO A 6 4.44 0.80 2.00
N VAL A 7 4.97 0.50 0.83
CA VAL A 7 4.94 1.46 -0.27
C VAL A 7 3.53 1.60 -0.83
N CYS A 8 2.89 0.48 -1.13
CA CYS A 8 1.50 0.48 -1.61
C CYS A 8 0.57 1.16 -0.62
N ASN A 9 0.82 0.98 0.66
CA ASN A 9 0.04 1.58 1.72
C ASN A 9 -0.09 3.05 1.51
N GLY A 10 1.00 3.66 1.23
CA GLY A 10 0.98 5.08 1.04
C GLY A 10 0.76 5.53 -0.37
N LYS A 11 0.54 4.61 -1.20
CA LYS A 11 0.39 4.90 -2.56
C LYS A 11 -1.02 4.66 -3.02
N HIS A 12 -1.42 3.44 -2.90
CA HIS A 12 -2.65 2.99 -3.44
C HIS A 12 -3.66 2.87 -2.38
N CYS A 13 -3.19 2.97 -1.20
CA CYS A 13 -4.09 2.78 -0.08
C CYS A 13 -4.41 4.09 0.61
N NH2 A 14 -5.33 4.83 0.03
HN1 NH2 A 14 -5.74 4.49 -0.79
HN2 NH2 A 14 -5.56 5.68 0.45
N GLY A 1 -5.91 -5.55 -2.34
CA GLY A 1 -4.88 -4.72 -2.96
C GLY A 1 -3.52 -5.02 -2.38
N CYS A 2 -2.74 -3.99 -2.15
CA CYS A 2 -1.41 -4.14 -1.59
C CYS A 2 -1.18 -3.14 -0.46
N CYS A 3 -2.26 -2.75 0.20
CA CYS A 3 -2.19 -1.74 1.28
C CYS A 3 -1.32 -2.20 2.45
N ALA A 4 -1.15 -3.50 2.56
CA ALA A 4 -0.35 -4.10 3.63
C ALA A 4 1.15 -4.06 3.30
N ASN A 5 1.49 -3.63 2.10
CA ASN A 5 2.85 -3.51 1.68
C ASN A 5 3.32 -2.09 1.97
N PRO A 6 4.58 -1.93 2.39
CA PRO A 6 5.15 -0.64 2.86
C PRO A 6 4.90 0.59 1.97
N VAL A 7 5.18 0.49 0.68
CA VAL A 7 4.99 1.67 -0.15
C VAL A 7 3.60 1.73 -0.72
N CYS A 8 3.02 0.58 -1.02
CA CYS A 8 1.66 0.56 -1.55
C CYS A 8 0.67 1.09 -0.49
N ASN A 9 1.05 0.90 0.78
CA ASN A 9 0.35 1.34 2.00
C ASN A 9 -0.20 2.73 1.86
N GLY A 10 0.61 3.59 1.32
CA GLY A 10 0.16 4.94 1.15
C GLY A 10 0.03 5.39 -0.26
N LYS A 11 0.32 4.52 -1.14
CA LYS A 11 0.35 4.83 -2.54
C LYS A 11 -0.96 4.51 -3.18
N HIS A 12 -1.36 3.27 -3.04
CA HIS A 12 -2.56 2.79 -3.64
C HIS A 12 -3.59 2.60 -2.58
N CYS A 13 -3.21 2.93 -1.41
CA CYS A 13 -4.09 2.84 -0.28
C CYS A 13 -4.25 4.21 0.35
N NH2 A 14 -5.28 4.91 -0.02
HN1 NH2 A 14 -5.93 4.49 -0.63
HN2 NH2 A 14 -5.40 5.82 0.32
N GLY A 1 -5.31 -6.92 -1.87
CA GLY A 1 -4.88 -5.58 -2.22
C GLY A 1 -3.39 -5.46 -2.17
N CYS A 2 -2.91 -4.25 -2.03
CA CYS A 2 -1.49 -4.00 -1.93
C CYS A 2 -1.28 -3.07 -0.71
N CYS A 3 -2.33 -2.85 0.07
CA CYS A 3 -2.29 -1.91 1.19
C CYS A 3 -1.44 -2.39 2.34
N ALA A 4 -1.14 -3.66 2.38
CA ALA A 4 -0.39 -4.23 3.49
C ALA A 4 1.10 -3.96 3.34
N ASN A 5 1.56 -3.81 2.13
CA ASN A 5 2.93 -3.53 1.90
C ASN A 5 3.19 -2.04 1.86
N PRO A 6 4.26 -1.61 2.58
CA PRO A 6 4.60 -0.21 2.87
C PRO A 6 4.39 0.78 1.72
N VAL A 7 4.86 0.47 0.54
CA VAL A 7 4.77 1.39 -0.57
C VAL A 7 3.34 1.61 -0.99
N CYS A 8 2.63 0.55 -1.38
CA CYS A 8 1.24 0.70 -1.78
C CYS A 8 0.42 1.23 -0.64
N ASN A 9 0.77 0.82 0.59
CA ASN A 9 0.11 1.24 1.83
C ASN A 9 -0.11 2.72 1.83
N GLY A 10 0.90 3.45 1.42
CA GLY A 10 0.79 4.87 1.44
C GLY A 10 0.68 5.52 0.12
N LYS A 11 0.60 4.75 -0.87
CA LYS A 11 0.57 5.27 -2.19
C LYS A 11 -0.73 4.98 -2.85
N HIS A 12 -1.04 3.74 -2.89
CA HIS A 12 -2.18 3.27 -3.60
C HIS A 12 -3.30 3.07 -2.66
N CYS A 13 -2.98 3.15 -1.43
CA CYS A 13 -3.97 2.98 -0.43
C CYS A 13 -4.25 4.33 0.24
N NH2 A 14 -3.45 4.70 1.22
HN1 NH2 A 14 -2.74 4.10 1.53
HN2 NH2 A 14 -3.60 5.58 1.60
N GLY A 1 -5.93 -5.89 -2.58
CA GLY A 1 -5.20 -4.63 -2.55
C GLY A 1 -3.76 -4.87 -2.22
N CYS A 2 -3.03 -3.81 -1.96
CA CYS A 2 -1.62 -3.92 -1.65
C CYS A 2 -1.32 -3.11 -0.37
N CYS A 3 -2.38 -2.78 0.39
CA CYS A 3 -2.29 -1.91 1.60
C CYS A 3 -1.32 -2.45 2.65
N ALA A 4 -1.07 -3.73 2.61
CA ALA A 4 -0.20 -4.37 3.57
C ALA A 4 1.26 -4.08 3.27
N ASN A 5 1.55 -3.71 2.05
CA ASN A 5 2.89 -3.46 1.64
C ASN A 5 3.30 -2.03 1.93
N PRO A 6 4.58 -1.82 2.25
CA PRO A 6 5.13 -0.52 2.71
C PRO A 6 4.81 0.66 1.79
N VAL A 7 5.08 0.53 0.52
CA VAL A 7 4.89 1.66 -0.38
C VAL A 7 3.47 1.74 -0.84
N CYS A 8 2.86 0.60 -1.07
CA CYS A 8 1.47 0.58 -1.48
C CYS A 8 0.59 1.21 -0.42
N ASN A 9 0.97 0.97 0.85
CA ASN A 9 0.29 1.43 2.07
C ASN A 9 -0.19 2.85 1.94
N GLY A 10 0.67 3.71 1.45
CA GLY A 10 0.28 5.08 1.35
C GLY A 10 0.18 5.61 -0.03
N LYS A 11 0.32 4.77 -0.95
CA LYS A 11 0.32 5.17 -2.31
C LYS A 11 -0.86 4.65 -3.03
N HIS A 12 -0.98 3.37 -3.00
CA HIS A 12 -1.97 2.69 -3.75
C HIS A 12 -3.14 2.44 -2.87
N CYS A 13 -2.91 2.62 -1.64
CA CYS A 13 -3.93 2.40 -0.65
C CYS A 13 -4.50 3.72 -0.19
N NH2 A 14 -5.60 4.12 -0.78
HN1 NH2 A 14 -5.99 3.54 -1.46
HN2 NH2 A 14 -5.97 4.99 -0.53
N GLY A 1 -5.01 -5.08 -3.72
CA GLY A 1 -4.80 -5.27 -2.30
C GLY A 1 -3.34 -5.16 -1.95
N CYS A 2 -2.86 -3.96 -1.76
CA CYS A 2 -1.46 -3.78 -1.44
C CYS A 2 -1.30 -2.78 -0.30
N CYS A 3 -2.37 -2.55 0.44
CA CYS A 3 -2.37 -1.58 1.54
C CYS A 3 -1.51 -2.11 2.70
N ALA A 4 -1.22 -3.38 2.68
CA ALA A 4 -0.39 -4.01 3.68
C ALA A 4 1.09 -3.94 3.30
N ASN A 5 1.36 -3.62 2.04
CA ASN A 5 2.71 -3.53 1.55
C ASN A 5 3.27 -2.15 1.89
N PRO A 6 4.56 -2.08 2.25
CA PRO A 6 5.21 -0.84 2.78
C PRO A 6 4.96 0.44 1.98
N VAL A 7 5.26 0.45 0.70
CA VAL A 7 5.10 1.67 -0.06
C VAL A 7 3.75 1.72 -0.75
N CYS A 8 3.17 0.56 -1.04
CA CYS A 8 1.89 0.56 -1.71
C CYS A 8 0.81 1.01 -0.71
N ASN A 9 1.14 0.83 0.58
CA ASN A 9 0.37 1.22 1.75
C ASN A 9 -0.19 2.59 1.61
N GLY A 10 0.65 3.51 1.31
CA GLY A 10 0.20 4.86 1.18
C GLY A 10 0.14 5.33 -0.21
N LYS A 11 0.22 4.43 -1.09
CA LYS A 11 0.27 4.75 -2.48
C LYS A 11 -1.06 4.45 -3.13
N HIS A 12 -1.48 3.23 -3.03
CA HIS A 12 -2.69 2.79 -3.64
C HIS A 12 -3.77 2.68 -2.62
N CYS A 13 -3.39 2.97 -1.42
CA CYS A 13 -4.31 2.92 -0.31
C CYS A 13 -4.30 4.27 0.41
N NH2 A 14 -5.12 5.18 -0.05
HN1 NH2 A 14 -5.72 4.93 -0.78
HN2 NH2 A 14 -5.10 6.07 0.36
N GLY A 1 -3.96 -7.80 -1.41
CA GLY A 1 -4.01 -6.56 -0.64
C GLY A 1 -2.79 -5.71 -0.90
N CYS A 2 -2.96 -4.63 -1.66
CA CYS A 2 -1.83 -3.78 -1.98
C CYS A 2 -1.63 -2.77 -0.86
N CYS A 3 -2.70 -2.47 -0.11
CA CYS A 3 -2.62 -1.55 1.04
C CYS A 3 -1.74 -2.16 2.13
N ALA A 4 -1.54 -3.45 2.03
CA ALA A 4 -0.76 -4.19 2.97
C ALA A 4 0.73 -4.03 2.69
N ASN A 5 1.08 -3.76 1.44
CA ASN A 5 2.46 -3.58 1.05
C ASN A 5 3.00 -2.30 1.66
N PRO A 6 4.31 -2.21 1.91
CA PRO A 6 4.91 -1.11 2.65
C PRO A 6 4.74 0.27 2.00
N VAL A 7 4.98 0.34 0.70
CA VAL A 7 4.90 1.62 0.01
C VAL A 7 3.51 1.84 -0.53
N CYS A 8 2.95 0.81 -1.15
CA CYS A 8 1.63 0.87 -1.74
C CYS A 8 0.60 1.31 -0.70
N ASN A 9 0.88 0.92 0.56
CA ASN A 9 0.13 1.28 1.76
C ASN A 9 -0.27 2.71 1.75
N GLY A 10 0.68 3.55 1.50
CA GLY A 10 0.40 4.93 1.49
C GLY A 10 0.37 5.56 0.17
N LYS A 11 0.57 4.78 -0.82
CA LYS A 11 0.70 5.27 -2.14
C LYS A 11 -0.56 5.06 -2.92
N HIS A 12 -1.03 3.85 -2.95
CA HIS A 12 -2.19 3.52 -3.70
C HIS A 12 -3.35 3.39 -2.78
N CYS A 13 -3.05 3.49 -1.54
CA CYS A 13 -4.08 3.37 -0.55
C CYS A 13 -4.16 4.67 0.27
N NH2 A 14 -4.91 5.61 -0.24
HN1 NH2 A 14 -5.41 5.43 -1.06
HN2 NH2 A 14 -4.97 6.47 0.24
N GLY A 1 -6.02 -5.31 -2.41
CA GLY A 1 -4.90 -4.55 -2.96
C GLY A 1 -3.62 -4.93 -2.27
N CYS A 2 -2.67 -4.04 -2.25
CA CYS A 2 -1.40 -4.30 -1.63
C CYS A 2 -1.15 -3.35 -0.47
N CYS A 3 -2.24 -2.81 0.10
CA CYS A 3 -2.18 -1.80 1.19
C CYS A 3 -1.32 -2.22 2.38
N ALA A 4 -1.21 -3.51 2.58
CA ALA A 4 -0.40 -4.06 3.66
C ALA A 4 1.10 -3.85 3.42
N ASN A 5 1.48 -3.71 2.17
CA ASN A 5 2.85 -3.55 1.80
C ASN A 5 3.31 -2.09 1.99
N PRO A 6 4.62 -1.90 2.28
CA PRO A 6 5.22 -0.58 2.65
C PRO A 6 4.84 0.62 1.77
N VAL A 7 5.13 0.58 0.48
CA VAL A 7 4.86 1.76 -0.35
C VAL A 7 3.43 1.77 -0.84
N CYS A 8 2.85 0.60 -1.05
CA CYS A 8 1.45 0.51 -1.42
C CYS A 8 0.57 1.13 -0.35
N ASN A 9 0.99 0.95 0.90
CA ASN A 9 0.32 1.40 2.13
C ASN A 9 -0.21 2.80 2.01
N GLY A 10 0.59 3.65 1.44
CA GLY A 10 0.17 5.00 1.28
C GLY A 10 0.17 5.53 -0.11
N LYS A 11 0.21 4.64 -1.02
CA LYS A 11 0.20 5.00 -2.41
C LYS A 11 -1.02 4.44 -3.08
N HIS A 12 -1.14 3.13 -2.99
CA HIS A 12 -2.23 2.41 -3.60
C HIS A 12 -3.34 2.31 -2.62
N CYS A 13 -3.05 2.79 -1.48
CA CYS A 13 -3.96 2.78 -0.40
C CYS A 13 -4.01 4.19 0.17
N NH2 A 14 -5.00 4.93 -0.23
HN1 NH2 A 14 -5.69 4.53 -0.79
HN2 NH2 A 14 -5.02 5.87 0.07
N GLY A 1 -4.65 -7.24 -1.18
CA GLY A 1 -4.35 -5.90 -1.69
C GLY A 1 -2.94 -5.52 -1.39
N CYS A 2 -2.44 -4.50 -2.04
CA CYS A 2 -1.07 -4.10 -1.85
C CYS A 2 -0.98 -3.05 -0.72
N CYS A 3 -2.13 -2.67 -0.15
CA CYS A 3 -2.17 -1.70 0.97
C CYS A 3 -1.53 -2.35 2.20
N ALA A 4 -1.43 -3.66 2.17
CA ALA A 4 -0.77 -4.42 3.21
C ALA A 4 0.74 -4.23 3.14
N ASN A 5 1.21 -3.94 1.94
CA ASN A 5 2.61 -3.71 1.67
C ASN A 5 2.92 -2.27 1.99
N PRO A 6 4.18 -1.94 2.29
CA PRO A 6 4.56 -0.62 2.78
C PRO A 6 4.45 0.51 1.74
N VAL A 7 4.73 0.23 0.49
CA VAL A 7 4.70 1.28 -0.51
C VAL A 7 3.30 1.60 -0.93
N CYS A 8 2.57 0.59 -1.37
CA CYS A 8 1.21 0.81 -1.82
C CYS A 8 0.36 1.36 -0.69
N ASN A 9 0.69 0.98 0.56
CA ASN A 9 0.01 1.45 1.77
C ASN A 9 -0.15 2.92 1.76
N GLY A 10 0.89 3.61 1.44
CA GLY A 10 0.81 5.03 1.44
C GLY A 10 0.71 5.66 0.11
N LYS A 11 0.59 4.86 -0.86
CA LYS A 11 0.58 5.35 -2.18
C LYS A 11 -0.73 5.14 -2.84
N HIS A 12 -1.12 3.92 -2.89
CA HIS A 12 -2.28 3.53 -3.62
C HIS A 12 -3.41 3.36 -2.68
N CYS A 13 -3.06 3.34 -1.45
CA CYS A 13 -4.03 3.18 -0.42
C CYS A 13 -4.24 4.50 0.31
N NH2 A 14 -5.08 5.34 -0.26
HN1 NH2 A 14 -5.54 5.07 -1.07
HN2 NH2 A 14 -5.21 6.21 0.17
#